data_9DM5
#
_entry.id   9DM5
#
_cell.length_a   1.00
_cell.length_b   1.00
_cell.length_c   1.00
_cell.angle_alpha   90.00
_cell.angle_beta   90.00
_cell.angle_gamma   90.00
#
_symmetry.space_group_name_H-M   'P 1'
#
loop_
_entity.id
_entity.type
_entity.pdbx_description
1 polymer Mannosyltransferase
2 non-polymer '(2S)-1-{[(S)-{[(1S,2R,3R,4S,5S,6R)-2-[(6-O-hexadecanoyl-beta-L-gulopyranosyl)oxy]-3,4,5-trihydroxy-6-{[beta-D-mannopyranosyl-(1->2)-alpha-D-mannopyranosyl-(1->6)-beta-D-mannopyranosyl-(1->6)-alpha-D-mannopyranosyl]oxy}cyclohexyl]oxy}(hydroxy)phosphoryl]oxy}-3-(hexadecanoyloxy)propan-2-yl 10-methyloctadecanoate'
3 non-polymer 'MONO-TRANS, OCTA-CIS DECAPRENYL-PHOSPHATE'
#
_entity_poly.entity_id   1
_entity_poly.type   'polypeptide(L)'
_entity_poly.pdbx_seq_one_letter_code
;MATEKTEPTRANVEPPMPTRGASAWRRVRAWGPWLLGLSVAVRLAWAYLTPHGADLVDLHVYVSGPATLGHGNLYEFTYP
DKTPDFPLPFTYPPFAAVVFWPLHLIPFTLLGLCWILGTIAALYAVVRLSQRLLGFDDARAAAVWTAVTMWTEPVRSTLD
YGQINVLLMLLILLAVASSRWWISGTLIGLAGGVKLTPLVSGLYFLGARRWTTAIWAGVVFLLTVVVGIAVVGEQGRYYF
TDLLGKPDRIGPIATVFNQSWRGGISRILGHDAGSGVLVLFAYAVTAILAFLAWRAVNDRLGQICVVEMFGLLISPISWT
HHWVWMVPFMVWLLHGPWRDKVGAKVFGCGWLVLLLIGVPWLLSFAQPDIWRIDRPWPLAWAGLVDIVAAIATLTWMAVV
GRRSGHLGRLPWRHV
;
_entity_poly.pdbx_strand_id   A
#
loop_
_chem_comp.id
_chem_comp.type
_chem_comp.name
_chem_comp.formula
A1A8B non-polymer '(2S)-1-{[(S)-{[(1S,2R,3R,4S,5S,6R)-2-[(6-O-hexadecanoyl-beta-L-gulopyranosyl)oxy]-3,4,5-trihydroxy-6-{[beta-D-mannopyranosyl-(1->2)-alpha-D-mannopyranosyl-(1->6)-beta-D-mannopyranosyl-(1->6)-alpha-D-mannopyranosyl]oxy}cyclohexyl]oxy}(hydroxy)phosphoryl]oxy}-3-(hexadecanoyloxy)propan-2-yl 10-methyloctadecanoate' 'C90 H105 O39 P'
DSL non-polymer 'MONO-TRANS, OCTA-CIS DECAPRENYL-PHOSPHATE' 'C50 H83 O4 P'
#
# COMPACT_ATOMS: atom_id res chain seq x y z
N GLY A 21 12.90 -25.72 13.53
CA GLY A 21 14.33 -25.54 13.72
C GLY A 21 14.71 -24.12 14.10
N ALA A 22 14.75 -23.85 15.41
CA ALA A 22 15.12 -22.52 15.87
C ALA A 22 16.61 -22.24 15.64
N SER A 23 17.44 -23.29 15.63
CA SER A 23 18.86 -23.09 15.37
C SER A 23 19.07 -22.49 13.99
N ALA A 24 18.42 -23.05 12.97
CA ALA A 24 18.51 -22.47 11.63
C ALA A 24 17.94 -21.07 11.59
N TRP A 25 16.91 -20.80 12.40
CA TRP A 25 16.37 -19.45 12.48
C TRP A 25 17.41 -18.46 12.99
N ARG A 26 18.13 -18.83 14.04
CA ARG A 26 19.21 -17.98 14.53
C ARG A 26 20.30 -17.82 13.48
N ARG A 27 20.65 -18.92 12.80
CA ARG A 27 21.71 -18.86 11.80
C ARG A 27 21.36 -17.89 10.69
N VAL A 28 20.11 -17.93 10.21
CA VAL A 28 19.69 -17.02 9.16
C VAL A 28 19.58 -15.60 9.70
N ARG A 29 19.17 -15.42 10.95
CA ARG A 29 19.15 -14.08 11.53
C ARG A 29 20.54 -13.47 11.49
N ALA A 30 21.55 -14.23 11.93
CA ALA A 30 22.92 -13.72 11.90
C ALA A 30 23.33 -13.36 10.48
N TRP A 31 22.77 -14.02 9.47
CA TRP A 31 23.03 -13.70 8.08
C TRP A 31 22.01 -12.71 7.53
N GLY A 32 21.83 -11.60 8.24
CA GLY A 32 20.91 -10.58 7.80
C GLY A 32 21.53 -9.54 6.91
N PRO A 33 22.56 -8.83 7.40
CA PRO A 33 23.15 -7.76 6.60
C PRO A 33 23.64 -8.24 5.25
N TRP A 34 24.22 -9.43 5.19
CA TRP A 34 24.71 -10.00 3.94
C TRP A 34 23.66 -10.84 3.23
N LEU A 35 22.38 -10.68 3.58
CA LEU A 35 21.26 -11.13 2.78
C LEU A 35 20.44 -9.96 2.26
N LEU A 36 20.23 -8.93 3.10
CA LEU A 36 19.64 -7.68 2.60
C LEU A 36 20.56 -7.00 1.60
N GLY A 37 21.87 -7.03 1.84
CA GLY A 37 22.79 -6.51 0.86
C GLY A 37 22.65 -7.21 -0.48
N LEU A 38 22.54 -8.54 -0.45
CA LEU A 38 22.35 -9.30 -1.68
C LEU A 38 21.03 -8.92 -2.37
N SER A 39 19.96 -8.80 -1.60
CA SER A 39 18.67 -8.44 -2.19
C SER A 39 18.74 -7.07 -2.85
N VAL A 40 19.34 -6.10 -2.17
CA VAL A 40 19.43 -4.75 -2.72
C VAL A 40 20.29 -4.72 -3.97
N ALA A 41 21.42 -5.44 -3.95
CA ALA A 41 22.26 -5.51 -5.14
C ALA A 41 21.50 -6.12 -6.31
N VAL A 42 20.76 -7.20 -6.06
CA VAL A 42 20.00 -7.84 -7.14
C VAL A 42 18.96 -6.89 -7.70
N ARG A 43 18.21 -6.22 -6.83
CA ARG A 43 17.17 -5.32 -7.28
C ARG A 43 17.76 -4.16 -8.09
N LEU A 44 18.85 -3.56 -7.59
CA LEU A 44 19.46 -2.45 -8.29
C LEU A 44 20.02 -2.89 -9.64
N ALA A 45 20.61 -4.07 -9.69
CA ALA A 45 21.11 -4.59 -10.96
C ALA A 45 19.97 -4.80 -11.95
N TRP A 46 18.87 -5.39 -11.48
CA TRP A 46 17.75 -5.64 -12.38
C TRP A 46 17.17 -4.35 -12.92
N ALA A 47 16.99 -3.35 -12.05
CA ALA A 47 16.36 -2.11 -12.48
C ALA A 47 17.18 -1.38 -13.55
N TYR A 48 18.49 -1.33 -13.36
CA TYR A 48 19.37 -0.56 -14.23
C TYR A 48 20.15 -1.41 -15.22
N LEU A 49 19.77 -2.67 -15.40
CA LEU A 49 20.34 -3.48 -16.48
C LEU A 49 19.29 -3.89 -17.50
N THR A 50 18.02 -3.98 -17.11
CA THR A 50 16.98 -4.45 -18.00
C THR A 50 16.13 -3.29 -18.49
N PRO A 51 15.81 -3.22 -19.78
CA PRO A 51 14.87 -2.18 -20.23
C PRO A 51 13.53 -2.34 -19.54
N HIS A 52 12.93 -1.20 -19.19
CA HIS A 52 11.67 -1.12 -18.45
C HIS A 52 11.81 -1.53 -17.00
N GLY A 53 12.99 -1.99 -16.57
CA GLY A 53 13.20 -2.24 -15.15
C GLY A 53 13.17 -0.97 -14.34
N ALA A 54 13.84 0.08 -14.84
CA ALA A 54 13.80 1.41 -14.24
C ALA A 54 12.83 2.33 -14.96
N ASP A 55 11.76 1.77 -15.53
CA ASP A 55 10.80 2.59 -16.24
C ASP A 55 10.18 3.63 -15.31
N LEU A 56 9.80 3.22 -14.10
CA LEU A 56 9.27 4.11 -13.08
C LEU A 56 8.18 5.01 -13.66
N VAL A 57 7.10 4.40 -14.10
CA VAL A 57 5.97 5.13 -14.72
C VAL A 57 5.37 6.09 -13.70
N ASP A 58 5.32 5.73 -12.42
CA ASP A 58 4.64 6.57 -11.40
C ASP A 58 5.64 7.61 -10.85
N LEU A 59 6.94 7.35 -10.82
CA LEU A 59 7.91 8.38 -10.51
C LEU A 59 8.00 9.41 -11.63
N HIS A 60 8.00 8.94 -12.88
CA HIS A 60 8.01 9.88 -14.00
C HIS A 60 6.75 10.72 -14.00
N VAL A 61 5.61 10.16 -13.57
CA VAL A 61 4.40 10.96 -13.45
C VAL A 61 4.58 12.02 -12.37
N TYR A 62 5.15 11.64 -11.23
CA TYR A 62 5.38 12.58 -10.15
C TYR A 62 6.35 13.68 -10.56
N VAL A 63 7.25 13.38 -11.50
CA VAL A 63 8.24 14.36 -11.92
C VAL A 63 7.69 15.24 -13.04
N SER A 64 6.82 14.70 -13.90
CA SER A 64 6.29 15.44 -15.02
C SER A 64 4.99 16.16 -14.70
N GLY A 65 4.37 15.90 -13.55
CA GLY A 65 3.22 16.66 -13.13
C GLY A 65 3.63 18.07 -12.75
N PRO A 66 4.37 18.19 -11.65
CA PRO A 66 4.86 19.52 -11.25
C PRO A 66 5.72 20.18 -12.32
N ALA A 67 6.36 19.42 -13.19
CA ALA A 67 7.14 20.03 -14.26
C ALA A 67 6.28 20.92 -15.15
N THR A 68 4.97 20.65 -15.20
CA THR A 68 4.03 21.48 -15.94
C THR A 68 3.33 22.50 -15.04
N LEU A 69 3.75 22.58 -13.78
CA LEU A 69 3.10 23.48 -12.83
C LEU A 69 3.21 24.92 -13.31
N GLY A 70 2.17 25.70 -13.04
CA GLY A 70 2.13 27.08 -13.48
C GLY A 70 1.70 27.27 -14.92
N HIS A 71 1.13 26.25 -15.56
CA HIS A 71 0.75 26.33 -16.95
C HIS A 71 -0.66 25.80 -17.21
N GLY A 72 -1.43 25.53 -16.16
CA GLY A 72 -2.84 25.24 -16.33
C GLY A 72 -3.16 23.90 -16.95
N ASN A 73 -2.19 23.00 -17.01
CA ASN A 73 -2.37 21.72 -17.69
C ASN A 73 -1.76 20.58 -16.88
N LEU A 74 -2.02 20.58 -15.57
CA LEU A 74 -1.44 19.57 -14.69
C LEU A 74 -2.32 18.35 -14.51
N TYR A 75 -3.63 18.51 -14.37
CA TYR A 75 -4.52 17.37 -14.28
C TYR A 75 -5.04 16.91 -15.63
N GLU A 76 -5.09 17.79 -16.62
CA GLU A 76 -5.28 17.34 -18.00
C GLU A 76 -4.04 16.65 -18.53
N PHE A 77 -2.93 16.69 -17.79
CA PHE A 77 -1.71 16.00 -18.20
C PHE A 77 -1.93 14.51 -18.33
N THR A 78 -1.32 13.94 -19.37
CA THR A 78 -1.25 12.49 -19.55
C THR A 78 0.19 12.13 -19.86
N TYR A 79 0.57 10.91 -19.51
CA TYR A 79 1.95 10.43 -19.67
C TYR A 79 1.95 9.09 -20.38
N PRO A 80 1.68 9.08 -21.69
CA PRO A 80 1.70 7.83 -22.45
C PRO A 80 3.07 7.44 -22.99
N ASP A 81 4.14 8.15 -22.61
CA ASP A 81 5.45 7.84 -23.15
C ASP A 81 5.88 6.43 -22.79
N LYS A 82 5.64 6.02 -21.54
CA LYS A 82 6.10 4.73 -21.04
C LYS A 82 5.07 3.62 -21.25
N THR A 83 3.78 3.94 -21.35
CA THR A 83 2.74 2.95 -21.63
C THR A 83 1.80 3.52 -22.67
N PRO A 84 2.26 3.62 -23.93
CA PRO A 84 1.41 4.18 -25.00
C PRO A 84 -0.03 3.73 -24.93
N ASP A 85 -0.26 2.45 -24.61
CA ASP A 85 -1.61 1.92 -24.52
C ASP A 85 -2.43 2.70 -23.50
N PHE A 86 -1.91 2.81 -22.28
CA PHE A 86 -2.61 3.51 -21.20
C PHE A 86 -1.84 4.78 -20.84
N PRO A 87 -2.34 5.97 -21.20
CA PRO A 87 -1.65 7.20 -20.77
C PRO A 87 -1.74 7.42 -19.27
N LEU A 88 -0.60 7.44 -18.60
CA LEU A 88 -0.58 7.62 -17.15
C LEU A 88 -0.99 9.05 -16.80
N PRO A 89 -2.06 9.26 -16.04
CA PRO A 89 -2.40 10.62 -15.63
C PRO A 89 -1.78 10.98 -14.28
N PHE A 90 -1.99 12.21 -13.84
CA PHE A 90 -1.58 12.64 -12.49
C PHE A 90 -2.84 12.73 -11.64
N THR A 91 -3.20 11.61 -11.02
CA THR A 91 -4.39 11.52 -10.19
C THR A 91 -4.14 11.86 -8.74
N TYR A 92 -2.91 12.21 -8.37
CA TYR A 92 -2.60 12.50 -6.99
C TYR A 92 -3.24 13.82 -6.55
N PRO A 93 -3.44 14.01 -5.25
CA PRO A 93 -3.92 15.30 -4.76
C PRO A 93 -2.95 16.41 -5.11
N PRO A 94 -3.42 17.65 -5.24
CA PRO A 94 -2.52 18.75 -5.61
C PRO A 94 -1.39 18.96 -4.61
N PHE A 95 -1.62 18.64 -3.34
CA PHE A 95 -0.54 18.71 -2.35
C PHE A 95 0.62 17.82 -2.75
N ALA A 96 0.34 16.69 -3.38
CA ALA A 96 1.41 15.84 -3.88
C ALA A 96 2.23 16.56 -4.93
N ALA A 97 1.57 17.29 -5.83
CA ALA A 97 2.31 18.06 -6.83
C ALA A 97 3.15 19.15 -6.17
N VAL A 98 2.61 19.78 -5.12
CA VAL A 98 3.39 20.77 -4.39
C VAL A 98 4.64 20.13 -3.81
N VAL A 99 4.49 18.95 -3.20
CA VAL A 99 5.62 18.29 -2.55
C VAL A 99 6.63 17.80 -3.59
N PHE A 100 6.16 17.44 -4.79
CA PHE A 100 7.02 16.91 -5.82
C PHE A 100 7.59 17.99 -6.74
N TRP A 101 7.19 19.24 -6.59
CA TRP A 101 7.83 20.29 -7.38
C TRP A 101 9.34 20.34 -7.19
N PRO A 102 9.89 20.15 -5.99
CA PRO A 102 11.35 20.04 -5.87
C PRO A 102 11.95 18.96 -6.75
N LEU A 103 11.27 17.82 -6.92
CA LEU A 103 11.79 16.76 -7.78
C LEU A 103 12.05 17.29 -9.18
N HIS A 104 11.29 18.30 -9.62
CA HIS A 104 11.54 18.91 -10.91
C HIS A 104 12.94 19.48 -11.02
N LEU A 105 13.59 19.76 -9.88
CA LEU A 105 14.91 20.37 -9.90
C LEU A 105 16.05 19.35 -9.90
N ILE A 106 15.75 18.06 -9.97
CA ILE A 106 16.75 17.00 -9.89
C ILE A 106 16.74 16.23 -11.21
N PRO A 107 17.90 15.90 -11.78
CA PRO A 107 17.92 15.06 -12.99
C PRO A 107 17.25 13.71 -12.79
N PHE A 108 16.68 13.15 -13.86
CA PHE A 108 15.81 12.00 -13.72
C PHE A 108 16.51 10.79 -13.12
N THR A 109 17.75 10.51 -13.53
CA THR A 109 18.44 9.34 -12.99
C THR A 109 18.86 9.55 -11.54
N LEU A 110 19.37 10.74 -11.22
CA LEU A 110 19.72 11.07 -9.84
C LEU A 110 18.53 10.94 -8.91
N LEU A 111 17.31 11.06 -9.44
CA LEU A 111 16.11 10.85 -8.66
C LEU A 111 15.64 9.41 -8.70
N GLY A 112 15.84 8.69 -9.80
CA GLY A 112 15.41 7.30 -9.85
C GLY A 112 16.21 6.41 -8.91
N LEU A 113 17.54 6.53 -8.96
CA LEU A 113 18.36 5.76 -8.02
C LEU A 113 18.08 6.17 -6.59
N CYS A 114 17.91 7.48 -6.35
CA CYS A 114 17.59 7.95 -5.02
C CYS A 114 16.27 7.37 -4.54
N TRP A 115 15.28 7.29 -5.43
CA TRP A 115 13.97 6.79 -5.03
C TRP A 115 14.00 5.30 -4.74
N ILE A 116 14.74 4.53 -5.54
CA ILE A 116 14.86 3.10 -5.27
C ILE A 116 15.54 2.88 -3.93
N LEU A 117 16.65 3.59 -3.69
CA LEU A 117 17.33 3.46 -2.40
C LEU A 117 16.42 3.90 -1.26
N GLY A 118 15.63 4.96 -1.49
CA GLY A 118 14.73 5.43 -0.45
C GLY A 118 13.65 4.44 -0.13
N THR A 119 13.07 3.80 -1.15
CA THR A 119 12.07 2.77 -0.91
C THR A 119 12.67 1.59 -0.15
N ILE A 120 13.89 1.19 -0.52
CA ILE A 120 14.54 0.08 0.18
C ILE A 120 14.77 0.44 1.64
N ALA A 121 15.33 1.63 1.89
CA ALA A 121 15.60 2.05 3.25
C ALA A 121 14.30 2.23 4.02
N ALA A 122 13.23 2.66 3.36
CA ALA A 122 11.95 2.78 4.03
C ALA A 122 11.41 1.41 4.42
N LEU A 123 11.61 0.40 3.57
CA LEU A 123 11.21 -0.95 3.93
C LEU A 123 11.99 -1.43 5.14
N TYR A 124 13.30 -1.21 5.16
CA TYR A 124 14.09 -1.62 6.32
C TYR A 124 13.65 -0.87 7.57
N ALA A 125 13.41 0.44 7.45
CA ALA A 125 13.02 1.23 8.60
C ALA A 125 11.65 0.83 9.11
N VAL A 126 10.72 0.51 8.21
CA VAL A 126 9.39 0.12 8.64
C VAL A 126 9.43 -1.27 9.29
N VAL A 127 10.28 -2.16 8.81
CA VAL A 127 10.47 -3.43 9.50
C VAL A 127 11.04 -3.19 10.90
N ARG A 128 12.01 -2.29 11.01
CA ARG A 128 12.59 -1.98 12.32
C ARG A 128 11.54 -1.37 13.25
N LEU A 129 10.70 -0.48 12.73
CA LEU A 129 9.63 0.09 13.53
C LEU A 129 8.63 -0.97 13.96
N SER A 130 8.32 -1.92 13.08
CA SER A 130 7.43 -3.01 13.46
C SER A 130 8.05 -3.83 14.59
N GLN A 131 9.35 -4.12 14.49
CA GLN A 131 10.03 -4.84 15.56
C GLN A 131 9.97 -4.06 16.87
N ARG A 132 10.23 -2.76 16.80
CA ARG A 132 10.16 -1.93 18.00
C ARG A 132 8.75 -1.94 18.59
N LEU A 133 7.74 -1.87 17.73
CA LEU A 133 6.36 -1.91 18.20
C LEU A 133 6.07 -3.23 18.91
N LEU A 134 6.57 -4.34 18.38
CA LEU A 134 6.38 -5.63 19.02
C LEU A 134 7.15 -5.77 20.31
N GLY A 135 8.05 -4.84 20.62
CA GLY A 135 8.75 -4.83 21.88
C GLY A 135 10.18 -5.33 21.84
N PHE A 136 10.73 -5.61 20.67
CA PHE A 136 12.11 -6.07 20.56
C PHE A 136 12.79 -5.36 19.40
N ASP A 137 14.06 -5.04 19.60
CA ASP A 137 14.90 -4.43 18.56
C ASP A 137 15.88 -5.47 18.05
N ASP A 138 15.94 -5.65 16.73
CA ASP A 138 16.82 -6.65 16.13
C ASP A 138 17.17 -6.17 14.73
N ALA A 139 18.36 -5.59 14.59
CA ALA A 139 18.79 -5.10 13.29
C ALA A 139 19.00 -6.25 12.31
N ARG A 140 19.60 -7.35 12.76
CA ARG A 140 19.85 -8.48 11.88
C ARG A 140 18.55 -9.09 11.38
N ALA A 141 17.60 -9.35 12.29
CA ALA A 141 16.32 -9.89 11.88
C ALA A 141 15.57 -8.91 11.00
N ALA A 142 15.73 -7.61 11.27
CA ALA A 142 15.10 -6.62 10.40
C ALA A 142 15.66 -6.70 8.99
N ALA A 143 16.97 -6.86 8.86
CA ALA A 143 17.57 -7.00 7.53
C ALA A 143 17.07 -8.26 6.84
N VAL A 144 16.99 -9.38 7.58
CA VAL A 144 16.48 -10.61 6.98
C VAL A 144 15.05 -10.43 6.50
N TRP A 145 14.22 -9.80 7.32
CA TRP A 145 12.82 -9.59 6.95
C TRP A 145 12.71 -8.68 5.73
N THR A 146 13.53 -7.63 5.68
CA THR A 146 13.52 -6.76 4.52
C THR A 146 13.90 -7.52 3.26
N ALA A 147 14.94 -8.35 3.35
CA ALA A 147 15.37 -9.12 2.18
C ALA A 147 14.30 -10.09 1.72
N VAL A 148 13.65 -10.78 2.66
CA VAL A 148 12.66 -11.79 2.29
C VAL A 148 11.41 -11.13 1.74
N THR A 149 10.92 -10.08 2.39
CA THR A 149 9.72 -9.38 1.94
C THR A 149 9.99 -8.39 0.83
N MET A 150 11.26 -8.15 0.50
CA MET A 150 11.56 -7.24 -0.61
C MET A 150 10.91 -7.72 -1.90
N TRP A 151 10.75 -9.04 -2.05
CA TRP A 151 10.24 -9.65 -3.26
C TRP A 151 8.79 -10.08 -3.14
N THR A 152 8.10 -9.69 -2.07
CA THR A 152 6.66 -9.88 -2.03
C THR A 152 6.03 -9.04 -3.13
N GLU A 153 4.94 -9.56 -3.70
CA GLU A 153 4.33 -8.90 -4.86
C GLU A 153 4.05 -7.43 -4.62
N PRO A 154 3.49 -7.01 -3.50
CA PRO A 154 3.29 -5.56 -3.30
C PRO A 154 4.58 -4.77 -3.31
N VAL A 155 5.63 -5.27 -2.66
CA VAL A 155 6.87 -4.51 -2.57
C VAL A 155 7.54 -4.43 -3.94
N ARG A 156 7.62 -5.56 -4.66
CA ARG A 156 8.24 -5.51 -5.98
C ARG A 156 7.41 -4.67 -6.95
N SER A 157 6.08 -4.66 -6.79
CA SER A 157 5.25 -3.80 -7.62
C SER A 157 5.53 -2.32 -7.32
N THR A 158 5.65 -1.96 -6.04
CA THR A 158 5.98 -0.58 -5.72
C THR A 158 7.34 -0.20 -6.28
N LEU A 159 8.34 -1.06 -6.13
CA LEU A 159 9.67 -0.74 -6.63
C LEU A 159 9.66 -0.61 -8.16
N ASP A 160 8.94 -1.50 -8.82
CA ASP A 160 8.91 -1.46 -10.30
C ASP A 160 8.32 -0.12 -10.74
N TYR A 161 7.13 0.20 -10.27
CA TYR A 161 6.41 1.38 -10.74
C TYR A 161 6.93 2.66 -10.12
N GLY A 162 7.71 2.58 -9.04
CA GLY A 162 8.15 3.78 -8.34
C GLY A 162 7.09 4.40 -7.46
N GLN A 163 5.94 3.75 -7.31
CA GLN A 163 4.86 4.30 -6.51
C GLN A 163 5.31 4.44 -5.05
N ILE A 164 4.87 5.52 -4.41
CA ILE A 164 5.26 5.80 -3.02
C ILE A 164 4.21 5.12 -2.13
N ASN A 165 4.47 3.87 -1.79
CA ASN A 165 3.68 3.15 -0.80
C ASN A 165 4.49 2.70 0.40
N VAL A 166 5.77 2.36 0.21
CA VAL A 166 6.61 2.04 1.35
C VAL A 166 6.90 3.30 2.17
N LEU A 167 7.08 4.43 1.49
CA LEU A 167 7.35 5.67 2.21
C LEU A 167 6.17 6.08 3.10
N LEU A 168 4.95 5.99 2.57
CA LEU A 168 3.80 6.35 3.39
C LEU A 168 3.55 5.33 4.49
N MET A 169 3.85 4.05 4.24
CA MET A 169 3.80 3.07 5.31
C MET A 169 4.78 3.42 6.42
N LEU A 170 5.99 3.84 6.04
CA LEU A 170 6.98 4.26 7.02
C LEU A 170 6.47 5.46 7.81
N LEU A 171 5.87 6.43 7.13
CA LEU A 171 5.35 7.60 7.82
C LEU A 171 4.26 7.21 8.81
N ILE A 172 3.35 6.32 8.39
CA ILE A 172 2.24 5.94 9.25
C ILE A 172 2.73 5.18 10.47
N LEU A 173 3.67 4.25 10.29
CA LEU A 173 4.18 3.53 11.45
C LEU A 173 5.07 4.40 12.32
N LEU A 174 5.71 5.42 11.74
CA LEU A 174 6.41 6.40 12.55
C LEU A 174 5.43 7.18 13.41
N ALA A 175 4.28 7.53 12.84
CA ALA A 175 3.24 8.19 13.62
C ALA A 175 2.74 7.30 14.74
N VAL A 176 2.52 6.02 14.44
CA VAL A 176 2.03 5.09 15.45
C VAL A 176 3.05 4.93 16.57
N ALA A 177 4.33 4.78 16.21
CA ALA A 177 5.36 4.56 17.21
C ALA A 177 5.47 5.75 18.16
N SER A 178 5.43 6.97 17.62
CA SER A 178 5.58 8.16 18.44
C SER A 178 4.30 8.42 19.22
N SER A 179 4.41 8.41 20.55
CA SER A 179 3.27 8.72 21.40
C SER A 179 2.93 10.20 21.38
N ARG A 180 3.87 11.04 21.00
CA ARG A 180 3.66 12.48 20.98
C ARG A 180 2.53 12.82 20.01
N TRP A 181 1.54 13.58 20.50
CA TRP A 181 0.35 13.81 19.69
C TRP A 181 0.66 14.60 18.43
N TRP A 182 1.48 15.65 18.54
CA TRP A 182 1.71 16.51 17.39
C TRP A 182 2.49 15.77 16.31
N ILE A 183 3.51 14.98 16.71
CA ILE A 183 4.31 14.26 15.73
C ILE A 183 3.44 13.28 14.95
N SER A 184 2.68 12.45 15.66
CA SER A 184 1.85 11.46 14.98
C SER A 184 0.79 12.12 14.12
N GLY A 185 0.13 13.14 14.65
CA GLY A 185 -0.89 13.82 13.87
C GLY A 185 -0.34 14.42 12.59
N THR A 186 0.79 15.11 12.69
CA THR A 186 1.38 15.74 11.51
C THR A 186 1.82 14.70 10.50
N LEU A 187 2.45 13.61 10.95
CA LEU A 187 2.86 12.57 10.01
C LEU A 187 1.66 12.00 9.28
N ILE A 188 0.61 11.64 10.01
CA ILE A 188 -0.56 11.05 9.37
C ILE A 188 -1.18 12.03 8.40
N GLY A 189 -1.31 13.30 8.81
CA GLY A 189 -1.94 14.28 7.94
C GLY A 189 -1.17 14.51 6.66
N LEU A 190 0.15 14.68 6.77
CA LEU A 190 0.95 14.89 5.56
C LEU A 190 0.91 13.66 4.65
N ALA A 191 1.06 12.47 5.23
CA ALA A 191 1.05 11.27 4.42
C ALA A 191 -0.28 11.09 3.70
N GLY A 192 -1.39 11.38 4.40
CA GLY A 192 -2.69 11.32 3.76
C GLY A 192 -2.92 12.42 2.75
N GLY A 193 -2.27 13.57 2.93
CA GLY A 193 -2.35 14.60 1.92
C GLY A 193 -1.67 14.20 0.63
N VAL A 194 -0.54 13.50 0.74
CA VAL A 194 0.15 13.02 -0.46
C VAL A 194 -0.73 12.03 -1.21
N LYS A 195 -1.35 11.09 -0.48
CA LYS A 195 -2.28 10.13 -1.06
C LYS A 195 -3.46 9.97 -0.11
N LEU A 196 -4.67 9.90 -0.65
CA LEU A 196 -5.84 9.78 0.19
C LEU A 196 -6.06 8.37 0.73
N THR A 197 -5.46 7.35 0.12
CA THR A 197 -5.68 5.98 0.58
C THR A 197 -5.19 5.77 2.01
N PRO A 198 -3.99 6.23 2.41
CA PRO A 198 -3.54 5.95 3.78
C PRO A 198 -4.34 6.67 4.86
N LEU A 199 -5.28 7.53 4.48
CA LEU A 199 -6.14 8.18 5.46
C LEU A 199 -6.90 7.19 6.32
N VAL A 200 -7.20 5.99 5.81
CA VAL A 200 -7.85 4.98 6.63
C VAL A 200 -7.05 4.63 7.86
N SER A 201 -5.73 4.81 7.84
CA SER A 201 -4.92 4.58 9.03
C SER A 201 -5.39 5.44 10.18
N GLY A 202 -5.91 6.64 9.90
CA GLY A 202 -6.42 7.48 10.96
C GLY A 202 -7.48 6.77 11.79
N LEU A 203 -8.25 5.87 11.17
CA LEU A 203 -9.26 5.14 11.91
C LEU A 203 -8.65 4.39 13.09
N TYR A 204 -7.45 3.85 12.92
CA TYR A 204 -6.80 3.18 14.03
C TYR A 204 -6.67 4.12 15.22
N PHE A 205 -6.27 5.37 14.97
CA PHE A 205 -6.17 6.33 16.06
C PHE A 205 -7.52 6.57 16.69
N LEU A 206 -8.60 6.53 15.91
CA LEU A 206 -9.93 6.58 16.49
C LEU A 206 -10.17 5.36 17.39
N GLY A 207 -9.73 4.19 16.95
CA GLY A 207 -9.84 3.01 17.78
C GLY A 207 -8.96 3.08 19.02
N ALA A 208 -7.78 3.69 18.89
CA ALA A 208 -6.86 3.85 20.01
C ALA A 208 -7.27 4.96 20.96
N ARG A 209 -8.45 5.57 20.74
CA ARG A 209 -8.96 6.64 21.60
C ARG A 209 -8.07 7.87 21.58
N ARG A 210 -7.18 7.98 20.59
CA ARG A 210 -6.31 9.14 20.46
C ARG A 210 -7.07 10.22 19.68
N TRP A 211 -8.06 10.80 20.33
CA TRP A 211 -8.91 11.78 19.67
C TRP A 211 -8.12 13.03 19.27
N THR A 212 -7.24 13.51 20.15
CA THR A 212 -6.49 14.72 19.83
C THR A 212 -5.56 14.51 18.65
N THR A 213 -4.87 13.36 18.62
CA THR A 213 -3.98 13.08 17.49
C THR A 213 -4.75 12.95 16.19
N ALA A 214 -5.92 12.29 16.22
CA ALA A 214 -6.74 12.19 15.03
C ALA A 214 -7.21 13.56 14.56
N ILE A 215 -7.60 14.42 15.50
CA ILE A 215 -8.06 15.75 15.14
C ILE A 215 -6.92 16.53 14.48
N TRP A 216 -5.71 16.46 15.05
CA TRP A 216 -4.59 17.18 14.47
C TRP A 216 -4.22 16.61 13.11
N ALA A 217 -4.30 15.29 12.93
CA ALA A 217 -4.02 14.71 11.62
C ALA A 217 -5.03 15.19 10.59
N GLY A 218 -6.32 15.24 10.96
CA GLY A 218 -7.31 15.78 10.05
C GLY A 218 -7.06 17.24 9.72
N VAL A 219 -6.66 18.03 10.72
CA VAL A 219 -6.37 19.44 10.49
C VAL A 219 -5.20 19.58 9.52
N VAL A 220 -4.18 18.74 9.67
CA VAL A 220 -3.04 18.81 8.77
C VAL A 220 -3.44 18.37 7.37
N PHE A 221 -4.33 17.39 7.25
CA PHE A 221 -4.80 17.02 5.93
C PHE A 221 -5.55 18.16 5.27
N LEU A 222 -6.39 18.87 6.03
CA LEU A 222 -7.08 20.04 5.50
C LEU A 222 -6.12 21.15 5.12
N LEU A 223 -5.08 21.40 5.91
CA LEU A 223 -4.07 22.38 5.57
C LEU A 223 -3.24 21.99 4.36
N THR A 224 -3.02 20.71 4.13
CA THR A 224 -2.44 20.22 2.88
C THR A 224 -3.37 20.44 1.70
N VAL A 225 -4.66 20.23 1.87
CA VAL A 225 -5.62 20.57 0.83
C VAL A 225 -5.55 22.05 0.52
N VAL A 226 -5.45 22.89 1.55
CA VAL A 226 -5.36 24.33 1.33
C VAL A 226 -4.08 24.69 0.59
N VAL A 227 -2.96 24.04 0.95
CA VAL A 227 -1.71 24.31 0.25
C VAL A 227 -1.82 23.90 -1.22
N GLY A 228 -2.44 22.74 -1.48
CA GLY A 228 -2.65 22.33 -2.86
C GLY A 228 -3.51 23.31 -3.63
N ILE A 229 -4.56 23.82 -3.00
CA ILE A 229 -5.39 24.82 -3.66
C ILE A 229 -4.60 26.10 -3.92
N ALA A 230 -3.70 26.44 -3.01
CA ALA A 230 -2.94 27.69 -3.18
C ALA A 230 -1.94 27.57 -4.31
N VAL A 231 -1.21 26.46 -4.37
CA VAL A 231 -0.09 26.34 -5.31
C VAL A 231 -0.58 25.81 -6.64
N VAL A 232 -1.29 24.69 -6.61
CA VAL A 232 -1.74 24.01 -7.82
C VAL A 232 -3.14 24.50 -8.16
N GLY A 233 -3.55 25.61 -7.56
CA GLY A 233 -4.88 26.13 -7.79
C GLY A 233 -5.05 26.68 -9.19
N GLU A 234 -6.31 26.89 -9.55
CA GLU A 234 -6.74 27.38 -10.86
C GLU A 234 -6.52 26.34 -11.95
N GLN A 235 -5.91 25.20 -11.65
CA GLN A 235 -5.72 24.11 -12.60
C GLN A 235 -6.21 22.78 -12.04
N GLY A 236 -6.04 22.54 -10.74
CA GLY A 236 -6.63 21.38 -10.10
C GLY A 236 -7.57 21.80 -9.00
N ARG A 237 -8.87 21.64 -9.23
CA ARG A 237 -9.89 22.09 -8.30
C ARG A 237 -11.06 21.12 -8.38
N TYR A 238 -12.04 21.33 -7.49
CA TYR A 238 -13.23 20.47 -7.44
C TYR A 238 -12.80 19.02 -7.31
N TYR A 239 -11.75 18.78 -6.53
CA TYR A 239 -11.16 17.46 -6.44
C TYR A 239 -12.08 16.47 -5.73
N PHE A 240 -13.08 16.97 -5.00
CA PHE A 240 -14.05 16.13 -4.32
C PHE A 240 -15.46 16.23 -4.88
N THR A 241 -15.81 17.32 -5.57
CA THR A 241 -17.10 17.45 -6.24
C THR A 241 -16.87 17.40 -7.75
N ASP A 242 -17.76 16.70 -8.45
CA ASP A 242 -17.71 16.45 -9.89
C ASP A 242 -16.60 15.48 -10.26
N LEU A 243 -15.78 15.04 -9.32
CA LEU A 243 -14.74 14.03 -9.55
C LEU A 243 -14.87 12.84 -8.62
N LEU A 244 -15.17 13.05 -7.35
CA LEU A 244 -15.40 12.00 -6.36
C LEU A 244 -14.27 10.98 -6.32
N GLY A 245 -13.08 11.32 -6.79
CA GLY A 245 -12.01 10.35 -6.84
C GLY A 245 -12.43 9.13 -7.65
N LYS A 246 -13.00 9.38 -8.82
CA LYS A 246 -13.62 8.31 -9.59
C LYS A 246 -12.60 7.20 -9.87
N PRO A 247 -12.92 5.95 -9.55
CA PRO A 247 -11.93 4.88 -9.79
C PRO A 247 -11.56 4.71 -11.25
N ASP A 248 -12.50 4.96 -12.17
CA ASP A 248 -12.23 4.71 -13.58
C ASP A 248 -11.06 5.55 -14.09
N ARG A 249 -11.02 6.82 -13.72
CA ARG A 249 -9.95 7.70 -14.21
C ARG A 249 -8.59 7.23 -13.72
N ILE A 250 -8.50 6.76 -12.47
CA ILE A 250 -7.23 6.29 -11.95
C ILE A 250 -6.72 5.11 -12.77
N GLY A 251 -7.61 4.16 -13.06
CA GLY A 251 -7.23 3.00 -13.84
C GLY A 251 -8.36 2.00 -13.96
N PRO A 252 -8.12 0.90 -14.66
CA PRO A 252 -9.16 -0.13 -14.80
C PRO A 252 -9.55 -0.70 -13.44
N ILE A 253 -10.84 -0.94 -13.28
CA ILE A 253 -11.35 -1.43 -12.01
C ILE A 253 -11.32 -2.96 -11.94
N ALA A 254 -11.59 -3.63 -13.05
CA ALA A 254 -11.74 -5.07 -13.07
C ALA A 254 -10.43 -5.82 -13.22
N THR A 255 -9.33 -5.14 -13.54
CA THR A 255 -8.06 -5.85 -13.71
C THR A 255 -7.68 -6.56 -12.42
N VAL A 256 -7.14 -7.76 -12.56
CA VAL A 256 -6.94 -8.62 -11.41
C VAL A 256 -6.06 -7.93 -10.36
N PHE A 257 -5.18 -7.04 -10.81
CA PHE A 257 -4.31 -6.33 -9.88
C PHE A 257 -5.12 -5.52 -8.87
N ASN A 258 -6.30 -5.05 -9.26
CA ASN A 258 -7.17 -4.33 -8.35
C ASN A 258 -7.79 -5.30 -7.36
N GLN A 259 -7.10 -5.57 -6.26
CA GLN A 259 -7.52 -6.64 -5.37
C GLN A 259 -8.56 -6.21 -4.35
N SER A 260 -9.04 -4.96 -4.40
CA SER A 260 -10.13 -4.58 -3.53
C SER A 260 -11.38 -5.38 -3.86
N TRP A 261 -12.39 -5.26 -3.00
CA TRP A 261 -13.66 -5.91 -3.26
C TRP A 261 -14.19 -5.56 -4.65
N ARG A 262 -14.05 -4.29 -5.04
CA ARG A 262 -14.60 -3.86 -6.31
C ARG A 262 -13.98 -4.63 -7.47
N GLY A 263 -12.66 -4.80 -7.44
CA GLY A 263 -12.00 -5.51 -8.53
C GLY A 263 -12.48 -6.94 -8.67
N GLY A 264 -12.42 -7.70 -7.58
CA GLY A 264 -12.82 -9.10 -7.65
C GLY A 264 -14.29 -9.29 -7.99
N ILE A 265 -15.15 -8.44 -7.43
CA ILE A 265 -16.58 -8.52 -7.73
C ILE A 265 -16.82 -8.22 -9.20
N SER A 266 -16.09 -7.25 -9.75
CA SER A 266 -16.20 -6.97 -11.19
C SER A 266 -15.71 -8.14 -12.02
N ARG A 267 -14.63 -8.79 -11.59
CA ARG A 267 -14.17 -9.98 -12.30
C ARG A 267 -15.25 -11.05 -12.34
N ILE A 268 -15.81 -11.39 -11.18
CA ILE A 268 -16.80 -12.46 -11.10
C ILE A 268 -18.10 -12.01 -11.76
N LEU A 269 -18.24 -10.70 -12.01
CA LEU A 269 -19.48 -10.20 -12.58
C LEU A 269 -19.39 -10.01 -14.09
N GLY A 270 -18.28 -9.48 -14.59
CA GLY A 270 -18.21 -9.04 -15.97
C GLY A 270 -18.65 -7.61 -16.20
N HIS A 271 -19.08 -6.91 -15.15
CA HIS A 271 -19.47 -5.50 -15.24
C HIS A 271 -19.30 -4.87 -13.87
N ASP A 272 -18.71 -3.68 -13.86
CA ASP A 272 -18.37 -3.00 -12.62
C ASP A 272 -19.67 -2.66 -11.89
N ALA A 273 -19.95 -3.40 -10.82
CA ALA A 273 -21.12 -3.10 -10.00
C ALA A 273 -20.96 -1.78 -9.26
N GLY A 274 -19.74 -1.48 -8.82
CA GLY A 274 -19.50 -0.24 -8.10
C GLY A 274 -20.29 -0.17 -6.81
N SER A 275 -21.24 0.75 -6.74
CA SER A 275 -22.07 0.94 -5.56
C SER A 275 -23.29 0.01 -5.55
N GLY A 276 -23.24 -1.09 -6.30
CA GLY A 276 -24.36 -2.00 -6.36
C GLY A 276 -24.71 -2.60 -5.02
N VAL A 277 -25.88 -3.24 -4.93
CA VAL A 277 -26.31 -3.85 -3.68
C VAL A 277 -25.35 -4.96 -3.27
N LEU A 278 -24.94 -5.79 -4.23
CA LEU A 278 -24.09 -6.93 -3.90
C LEU A 278 -22.72 -6.49 -3.41
N VAL A 279 -22.17 -5.41 -3.98
CA VAL A 279 -20.91 -4.88 -3.46
C VAL A 279 -21.11 -4.26 -2.08
N LEU A 280 -22.26 -3.61 -1.84
CA LEU A 280 -22.51 -3.03 -0.53
C LEU A 280 -22.59 -4.10 0.54
N PHE A 281 -23.22 -5.23 0.24
CA PHE A 281 -23.29 -6.31 1.22
C PHE A 281 -21.89 -6.83 1.56
N ALA A 282 -21.04 -6.96 0.56
CA ALA A 282 -19.66 -7.37 0.82
C ALA A 282 -18.92 -6.33 1.65
N TYR A 283 -19.14 -5.05 1.36
CA TYR A 283 -18.50 -4.01 2.14
C TYR A 283 -18.93 -4.10 3.60
N ALA A 284 -20.22 -4.33 3.85
CA ALA A 284 -20.71 -4.43 5.22
C ALA A 284 -20.14 -5.67 5.92
N VAL A 285 -20.09 -6.80 5.22
CA VAL A 285 -19.60 -8.02 5.88
C VAL A 285 -18.11 -7.89 6.18
N THR A 286 -17.33 -7.30 5.28
CA THR A 286 -15.93 -7.08 5.59
C THR A 286 -15.76 -6.04 6.69
N ALA A 287 -16.68 -5.07 6.77
CA ALA A 287 -16.63 -4.12 7.88
C ALA A 287 -16.80 -4.84 9.22
N ILE A 288 -17.81 -5.71 9.32
CA ILE A 288 -18.01 -6.41 10.58
C ILE A 288 -16.85 -7.35 10.87
N LEU A 289 -16.33 -8.02 9.84
CA LEU A 289 -15.20 -8.92 10.06
C LEU A 289 -13.98 -8.17 10.55
N ALA A 290 -13.67 -7.02 9.95
CA ALA A 290 -12.50 -6.26 10.35
C ALA A 290 -12.68 -5.66 11.74
N PHE A 291 -13.89 -5.22 12.08
CA PHE A 291 -14.13 -4.72 13.43
C PHE A 291 -13.91 -5.81 14.46
N LEU A 292 -14.42 -7.02 14.18
CA LEU A 292 -14.20 -8.13 15.12
C LEU A 292 -12.73 -8.47 15.21
N ALA A 293 -12.02 -8.47 14.07
CA ALA A 293 -10.59 -8.74 14.11
C ALA A 293 -9.85 -7.72 14.97
N TRP A 294 -10.16 -6.45 14.80
CA TRP A 294 -9.53 -5.42 15.63
C TRP A 294 -9.87 -5.62 17.10
N ARG A 295 -11.14 -5.94 17.38
CA ARG A 295 -11.54 -6.24 18.75
C ARG A 295 -10.80 -7.45 19.30
N ALA A 296 -10.27 -8.30 18.43
CA ALA A 296 -9.52 -9.48 18.84
C ALA A 296 -8.03 -9.22 19.01
N VAL A 297 -7.60 -7.96 18.89
CA VAL A 297 -6.18 -7.61 18.98
C VAL A 297 -6.02 -6.57 20.09
N ASN A 298 -4.82 -6.49 20.64
CA ASN A 298 -4.53 -5.61 21.76
C ASN A 298 -3.25 -4.79 21.61
N ASP A 299 -2.37 -5.15 20.68
CA ASP A 299 -1.10 -4.45 20.51
C ASP A 299 -1.17 -3.49 19.33
N ARG A 300 -0.39 -2.41 19.41
CA ARG A 300 -0.45 -1.34 18.42
C ARG A 300 -0.25 -1.88 17.01
N LEU A 301 0.80 -2.69 16.80
CA LEU A 301 1.09 -3.17 15.46
C LEU A 301 -0.06 -3.98 14.89
N GLY A 302 -0.63 -4.88 15.70
CA GLY A 302 -1.74 -5.68 15.20
C GLY A 302 -2.95 -4.83 14.87
N GLN A 303 -3.25 -3.83 15.71
CA GLN A 303 -4.39 -2.96 15.45
C GLN A 303 -4.21 -2.21 14.13
N ILE A 304 -3.04 -1.61 13.93
CA ILE A 304 -2.81 -0.85 12.70
C ILE A 304 -2.82 -1.78 11.50
N CYS A 305 -2.27 -2.99 11.65
CA CYS A 305 -2.25 -3.93 10.53
C CYS A 305 -3.66 -4.34 10.13
N VAL A 306 -4.54 -4.59 11.11
CA VAL A 306 -5.92 -4.93 10.80
C VAL A 306 -6.61 -3.74 10.15
N VAL A 307 -6.39 -2.53 10.66
CA VAL A 307 -7.03 -1.35 10.09
C VAL A 307 -6.63 -1.20 8.63
N GLU A 308 -5.35 -1.36 8.33
CA GLU A 308 -4.87 -1.23 6.96
C GLU A 308 -5.28 -2.39 6.07
N MET A 309 -5.39 -3.60 6.62
CA MET A 309 -5.96 -4.71 5.87
C MET A 309 -7.40 -4.42 5.45
N PHE A 310 -8.19 -3.82 6.33
CA PHE A 310 -9.52 -3.39 5.95
C PHE A 310 -9.50 -2.25 4.93
N GLY A 311 -8.60 -1.29 5.12
CA GLY A 311 -8.50 -0.19 4.18
C GLY A 311 -8.18 -0.66 2.77
N LEU A 312 -7.28 -1.64 2.66
CA LEU A 312 -6.94 -2.18 1.35
C LEU A 312 -8.13 -2.88 0.71
N LEU A 313 -9.09 -3.34 1.51
CA LEU A 313 -10.25 -4.03 0.97
C LEU A 313 -11.40 -3.11 0.63
N ILE A 314 -11.55 -1.99 1.34
CA ILE A 314 -12.66 -1.09 1.08
C ILE A 314 -12.35 -0.03 0.05
N SER A 315 -11.10 0.37 -0.11
CA SER A 315 -10.80 1.44 -1.06
C SER A 315 -11.23 1.02 -2.46
N PRO A 316 -11.85 1.92 -3.23
CA PRO A 316 -12.33 1.52 -4.56
C PRO A 316 -11.22 0.96 -5.44
N ILE A 317 -10.02 1.51 -5.35
CA ILE A 317 -8.87 1.06 -6.12
C ILE A 317 -7.78 0.69 -5.11
N SER A 318 -7.43 -0.60 -5.06
CA SER A 318 -6.32 -1.08 -4.23
C SER A 318 -5.51 -2.05 -5.08
N TRP A 319 -4.56 -1.52 -5.83
CA TRP A 319 -3.71 -2.38 -6.64
C TRP A 319 -2.86 -3.28 -5.74
N THR A 320 -2.11 -4.18 -6.37
CA THR A 320 -1.22 -5.04 -5.58
C THR A 320 -0.18 -4.21 -4.85
N HIS A 321 0.38 -3.20 -5.51
CA HIS A 321 1.42 -2.39 -4.88
C HIS A 321 0.90 -1.60 -3.69
N HIS A 322 -0.42 -1.49 -3.54
CA HIS A 322 -0.97 -0.89 -2.32
C HIS A 322 -0.88 -1.84 -1.13
N TRP A 323 -0.81 -3.15 -1.36
CA TRP A 323 -0.85 -4.10 -0.27
C TRP A 323 0.54 -4.29 0.33
N VAL A 324 1.24 -3.20 0.61
CA VAL A 324 2.52 -3.32 1.30
C VAL A 324 2.31 -3.37 2.81
N TRP A 325 1.12 -3.01 3.27
CA TRP A 325 0.77 -3.11 4.68
C TRP A 325 0.70 -4.54 5.16
N MET A 326 0.67 -5.52 4.25
CA MET A 326 0.71 -6.91 4.68
C MET A 326 2.06 -7.28 5.29
N VAL A 327 3.14 -6.63 4.87
CA VAL A 327 4.45 -6.96 5.43
C VAL A 327 4.49 -6.72 6.94
N PRO A 328 4.06 -5.57 7.47
CA PRO A 328 3.94 -5.45 8.92
C PRO A 328 2.98 -6.48 9.51
N PHE A 329 1.95 -6.88 8.76
CA PHE A 329 1.03 -7.88 9.28
C PHE A 329 1.72 -9.24 9.46
N MET A 330 2.54 -9.64 8.50
CA MET A 330 3.29 -10.89 8.64
C MET A 330 4.32 -10.77 9.75
N VAL A 331 4.93 -9.59 9.90
CA VAL A 331 5.85 -9.40 11.02
C VAL A 331 5.11 -9.59 12.33
N TRP A 332 3.90 -9.04 12.43
CA TRP A 332 3.10 -9.23 13.63
C TRP A 332 2.76 -10.71 13.84
N LEU A 333 2.37 -11.40 12.78
CA LEU A 333 1.97 -12.80 12.90
C LEU A 333 3.14 -13.66 13.38
N LEU A 334 4.33 -13.45 12.83
CA LEU A 334 5.47 -14.29 13.14
C LEU A 334 6.27 -13.81 14.33
N HIS A 335 5.98 -12.62 14.86
CA HIS A 335 6.67 -12.11 16.03
C HIS A 335 5.77 -11.48 17.08
N GLY A 336 4.52 -11.14 16.75
CA GLY A 336 3.66 -10.46 17.67
C GLY A 336 3.28 -11.34 18.83
N PRO A 337 2.30 -10.90 19.63
CA PRO A 337 1.85 -11.73 20.75
C PRO A 337 1.37 -13.08 20.31
N TRP A 338 0.82 -13.20 19.11
CA TRP A 338 0.32 -14.47 18.58
C TRP A 338 1.39 -15.15 17.73
N ARG A 339 2.53 -15.42 18.35
CA ARG A 339 3.58 -16.19 17.71
C ARG A 339 3.57 -17.65 18.14
N ASP A 340 2.52 -18.08 18.84
CA ASP A 340 2.39 -19.46 19.27
C ASP A 340 1.10 -20.13 18.82
N LYS A 341 0.04 -19.37 18.55
CA LYS A 341 -1.21 -19.98 18.10
C LYS A 341 -0.99 -20.74 16.80
N VAL A 342 -1.60 -21.91 16.70
CA VAL A 342 -1.44 -22.72 15.49
C VAL A 342 -1.92 -21.93 14.28
N GLY A 343 -3.09 -21.29 14.40
CA GLY A 343 -3.59 -20.48 13.31
C GLY A 343 -2.67 -19.33 12.96
N ALA A 344 -2.02 -18.74 13.95
CA ALA A 344 -1.13 -17.62 13.67
C ALA A 344 0.00 -18.04 12.74
N LYS A 345 0.68 -19.13 13.07
CA LYS A 345 1.74 -19.63 12.20
C LYS A 345 1.19 -20.06 10.86
N VAL A 346 0.03 -20.73 10.85
CA VAL A 346 -0.56 -21.19 9.60
C VAL A 346 -0.81 -20.02 8.66
N PHE A 347 -1.43 -18.96 9.18
CA PHE A 347 -1.79 -17.84 8.33
C PHE A 347 -0.60 -16.98 7.99
N GLY A 348 0.41 -16.91 8.87
CA GLY A 348 1.64 -16.23 8.51
C GLY A 348 2.34 -16.91 7.35
N CYS A 349 2.47 -18.23 7.40
CA CYS A 349 3.10 -18.93 6.29
C CYS A 349 2.23 -18.87 5.04
N GLY A 350 0.90 -18.86 5.21
CA GLY A 350 0.02 -18.70 4.07
C GLY A 350 0.22 -17.37 3.38
N TRP A 351 0.28 -16.29 4.17
CA TRP A 351 0.51 -14.97 3.58
C TRP A 351 1.87 -14.90 2.91
N LEU A 352 2.90 -15.48 3.55
CA LEU A 352 4.22 -15.49 2.92
C LEU A 352 4.18 -16.22 1.58
N VAL A 353 3.63 -17.43 1.55
CA VAL A 353 3.62 -18.17 0.28
C VAL A 353 2.76 -17.49 -0.77
N LEU A 354 1.65 -16.86 -0.37
CA LEU A 354 0.81 -16.18 -1.33
C LEU A 354 1.50 -14.96 -1.92
N LEU A 355 2.06 -14.10 -1.08
CA LEU A 355 2.68 -12.86 -1.56
C LEU A 355 3.98 -13.14 -2.30
N LEU A 356 4.85 -13.99 -1.75
CA LEU A 356 6.12 -14.25 -2.40
C LEU A 356 5.92 -14.80 -3.80
N ILE A 357 5.00 -15.75 -3.95
CA ILE A 357 4.66 -16.24 -5.28
C ILE A 357 3.85 -15.21 -6.05
N GLY A 358 2.69 -14.86 -5.53
CA GLY A 358 1.85 -13.85 -6.14
C GLY A 358 0.87 -14.49 -7.09
N VAL A 359 -0.37 -14.65 -6.66
CA VAL A 359 -1.40 -15.24 -7.50
C VAL A 359 -1.94 -14.20 -8.46
N PRO A 360 -2.28 -12.98 -8.01
CA PRO A 360 -2.78 -11.98 -8.98
C PRO A 360 -1.79 -11.67 -10.09
N TRP A 361 -0.50 -11.59 -9.77
CA TRP A 361 0.48 -11.33 -10.81
C TRP A 361 0.49 -12.45 -11.85
N LEU A 362 0.39 -13.70 -11.39
CA LEU A 362 0.36 -14.81 -12.32
C LEU A 362 -0.91 -14.82 -13.15
N LEU A 363 -2.04 -14.48 -12.53
CA LEU A 363 -3.32 -14.52 -13.23
C LEU A 363 -3.47 -13.38 -14.22
N SER A 364 -2.77 -12.25 -14.01
CA SER A 364 -2.93 -11.11 -14.90
C SER A 364 -2.62 -11.47 -16.34
N PHE A 365 -1.82 -12.52 -16.56
CA PHE A 365 -1.48 -12.91 -17.93
C PHE A 365 -2.68 -13.48 -18.67
N ALA A 366 -3.56 -14.21 -17.98
CA ALA A 366 -4.64 -14.90 -18.66
C ALA A 366 -5.59 -13.93 -19.34
N GLN A 367 -5.96 -12.85 -18.66
CA GLN A 367 -6.99 -11.97 -19.19
C GLN A 367 -6.52 -11.32 -20.49
N PRO A 368 -7.44 -11.09 -21.44
CA PRO A 368 -7.02 -10.53 -22.73
C PRO A 368 -6.28 -9.21 -22.57
N ASP A 369 -6.92 -8.25 -21.90
CA ASP A 369 -6.33 -6.93 -21.69
C ASP A 369 -6.83 -6.38 -20.37
N ILE A 370 -6.09 -5.40 -19.83
CA ILE A 370 -6.45 -4.79 -18.55
C ILE A 370 -7.84 -4.17 -18.57
N TRP A 371 -8.43 -3.97 -19.75
CA TRP A 371 -9.75 -3.36 -19.86
C TRP A 371 -10.86 -4.40 -20.08
N ARG A 372 -10.56 -5.69 -19.96
CA ARG A 372 -11.55 -6.74 -20.14
C ARG A 372 -12.11 -7.16 -18.78
N ILE A 373 -13.44 -7.09 -18.65
CA ILE A 373 -14.10 -7.44 -17.41
C ILE A 373 -14.70 -8.84 -17.44
N ASP A 374 -15.11 -9.32 -18.62
CA ASP A 374 -15.73 -10.63 -18.74
C ASP A 374 -14.68 -11.72 -18.52
N ARG A 375 -15.00 -12.69 -17.67
CA ARG A 375 -14.08 -13.77 -17.36
C ARG A 375 -14.85 -15.08 -17.18
N PRO A 376 -14.22 -16.21 -17.48
CA PRO A 376 -14.82 -17.52 -17.16
C PRO A 376 -14.54 -17.87 -15.71
N TRP A 377 -15.04 -19.03 -15.28
CA TRP A 377 -14.94 -19.38 -13.87
C TRP A 377 -13.50 -19.33 -13.39
N PRO A 378 -12.52 -19.90 -14.09
CA PRO A 378 -11.16 -19.90 -13.52
C PRO A 378 -10.58 -18.51 -13.34
N LEU A 379 -10.53 -17.72 -14.41
CA LEU A 379 -9.87 -16.42 -14.37
C LEU A 379 -10.61 -15.41 -13.51
N ALA A 380 -11.89 -15.66 -13.21
CA ALA A 380 -12.65 -14.78 -12.32
C ALA A 380 -12.55 -15.22 -10.87
N TRP A 381 -12.84 -16.50 -10.60
CA TRP A 381 -12.80 -16.99 -9.24
C TRP A 381 -11.40 -16.89 -8.66
N ALA A 382 -10.38 -17.27 -9.44
CA ALA A 382 -9.01 -17.11 -8.98
C ALA A 382 -8.64 -15.64 -8.82
N GLY A 383 -9.45 -14.73 -9.37
CA GLY A 383 -9.22 -13.31 -9.15
C GLY A 383 -9.66 -12.83 -7.78
N LEU A 384 -10.41 -13.64 -7.05
CA LEU A 384 -10.80 -13.34 -5.68
C LEU A 384 -9.77 -13.85 -4.68
N VAL A 385 -8.53 -14.10 -5.10
CA VAL A 385 -7.59 -14.84 -4.26
C VAL A 385 -7.20 -14.01 -3.04
N ASP A 386 -6.68 -12.80 -3.25
CA ASP A 386 -6.22 -12.00 -2.13
C ASP A 386 -7.39 -11.55 -1.27
N ILE A 387 -8.54 -11.28 -1.90
CA ILE A 387 -9.74 -10.93 -1.14
C ILE A 387 -10.12 -12.08 -0.20
N VAL A 388 -10.11 -13.31 -0.72
CA VAL A 388 -10.48 -14.46 0.09
C VAL A 388 -9.45 -14.66 1.21
N ALA A 389 -8.17 -14.50 0.90
CA ALA A 389 -7.15 -14.67 1.94
C ALA A 389 -7.33 -13.65 3.05
N ALA A 390 -7.56 -12.38 2.69
CA ALA A 390 -7.76 -11.35 3.70
C ALA A 390 -9.03 -11.62 4.52
N ILE A 391 -10.10 -12.04 3.86
CA ILE A 391 -11.35 -12.29 4.58
C ILE A 391 -11.19 -13.49 5.50
N ALA A 392 -10.46 -14.52 5.06
CA ALA A 392 -10.21 -15.68 5.91
C ALA A 392 -9.39 -15.29 7.12
N THR A 393 -8.37 -14.45 6.93
CA THR A 393 -7.58 -13.99 8.07
C THR A 393 -8.45 -13.19 9.04
N LEU A 394 -9.29 -12.31 8.51
CA LEU A 394 -10.16 -11.51 9.37
C LEU A 394 -11.13 -12.39 10.15
N THR A 395 -11.75 -13.36 9.48
CA THR A 395 -12.68 -14.26 10.17
C THR A 395 -11.96 -15.09 11.21
N TRP A 396 -10.76 -15.58 10.89
CA TRP A 396 -10.01 -16.35 11.87
C TRP A 396 -9.68 -15.50 13.09
N MET A 397 -9.24 -14.27 12.87
CA MET A 397 -8.94 -13.40 14.00
C MET A 397 -10.19 -13.13 14.83
N ALA A 398 -11.32 -12.90 14.16
CA ALA A 398 -12.56 -12.63 14.89
C ALA A 398 -12.97 -13.82 15.74
N VAL A 399 -12.92 -15.02 15.17
CA VAL A 399 -13.37 -16.20 15.90
C VAL A 399 -12.42 -16.53 17.04
N VAL A 400 -11.10 -16.41 16.80
CA VAL A 400 -10.16 -16.72 17.86
C VAL A 400 -10.25 -15.70 18.99
N GLY A 401 -10.49 -14.42 18.67
CA GLY A 401 -10.69 -13.44 19.72
C GLY A 401 -11.96 -13.69 20.50
N ARG A 402 -13.07 -13.98 19.80
CA ARG A 402 -14.33 -14.22 20.48
C ARG A 402 -14.24 -15.44 21.38
N ARG A 403 -13.62 -16.52 20.90
CA ARG A 403 -13.44 -17.70 21.74
C ARG A 403 -12.58 -17.39 22.95
C4 A1A8B B . 7.61 -8.03 -12.82
C5 A1A8B B . 8.20 -9.43 -10.98
C6 A1A8B B . 9.98 -10.91 -10.36
C7 A1A8B B . 11.36 -10.98 -10.98
C8 A1A8B B . 12.57 -12.34 -9.45
C10 A1A8B B . 9.93 -9.92 -9.22
C13 A1A8B B . 6.36 -7.19 -12.98
C15 A1A8B B . 5.79 -8.46 -15.09
C17 A1A8B B . 7.33 -6.21 -16.78
C20 A1A8B B . 7.00 -1.86 -17.81
C21 A1A8B B . 4.68 -1.45 -17.41
C22 A1A8B B . 3.67 -2.58 -17.39
C24 A1A8B B . 0.91 -1.24 -18.41
C26 A1A8B B . -0.38 -0.95 -17.67
C28 A1A8B B . 1.01 -0.75 -15.57
P1 A1A8B B . 9.15 -10.94 -14.89
C1 A1A8B B . 9.55 -13.80 -12.35
O1 A1A8B B . 9.74 -11.84 -13.71
C2 A1A8B B . 9.53 -13.27 -13.73
O2 A1A8B B . 10.23 -10.07 -15.47
C3 A1A8B B . 8.13 -8.57 -14.15
O3 A1A8B B . 8.39 -11.85 -15.84
O4 A1A8B B . 8.09 -10.03 -14.09
O5 A1A8B B . 7.28 -9.15 -11.99
O6 A1A8B B . 9.08 -10.48 -11.39
O7 A1A8B B . 12.33 -11.10 -9.91
O8 A1A8B B . 12.31 -13.33 -10.07
C9 A1A8B B . 13.20 -12.31 -8.10
O9 A1A8B B . 10.93 -10.23 -8.27
O10 A1A8B B . 10.28 -7.60 -8.71
C11 A1A8B B . 10.16 -8.53 -9.78
O11 A1A8B B . 8.16 -7.19 -10.09
C12 A1A8B B . 9.00 -8.17 -10.68
O12 A1A8B B . 5.87 -6.82 -11.70
O13 A1A8B B . 4.14 -7.13 -13.93
C14 A1A8B B . 5.28 -7.97 -13.74
O14 A1A8B B . 5.61 -9.88 -15.18
O15 A1A8B B . 7.35 -6.69 -15.47
C16 A1A8B B . 7.25 -8.12 -15.32
O16 A1A8B B . 7.24 -4.81 -16.75
O17 A1A8B B . 8.16 -2.45 -17.29
C18 A1A8B B . 8.10 -4.25 -15.74
O18 A1A8B B . 5.92 -2.00 -16.91
C19 A1A8B B . 8.08 -2.76 -15.90
O19 A1A8B B . 2.62 -2.25 -16.45
O20 A1A8B B . 1.96 -0.48 -17.78
O21 A1A8B B . 1.37 -1.82 -20.71
O22 A1A8B B . -1.43 -1.68 -18.29
C23 A1A8B B . 2.23 -0.91 -16.46
O23 A1A8B B . -1.39 -0.97 -15.48
O24 A1A8B B . 0.79 0.64 -15.29
C25 A1A8B B . 0.86 -0.80 -19.86
O25 A1A8B B . -0.19 -0.21 -13.35
O26 A1A8B B . -0.79 -2.04 -10.66
C27 A1A8B B . -0.23 -1.37 -16.21
O27 A1A8B B . -0.35 2.34 -11.45
O28 A1A8B B . -2.84 0.68 -13.55
C29 A1A8B B . 0.26 0.96 -14.02
O29 A1A8B B . -1.46 1.69 -15.51
C30 A1A8B B . -0.56 0.00 -11.98
O30 A1A8B B . 5.60 0.39 -18.71
C31 A1A8B B . -1.44 -1.17 -11.57
O31 A1A8B B . 4.57 -2.72 -20.29
C32 A1A8B B . -1.28 1.34 -11.83
O32 A1A8B B . 6.33 -3.89 -18.90
C33 A1A8B B . -1.94 1.71 -13.15
O33 A1A8B B . 9.66 -5.79 -14.83
C34 A1A8B B . -0.90 1.91 -14.23
O34 A1A8B B . 9.60 -4.63 -18.30
C35 A1A8B B . 4.85 -0.82 -18.80
O35 A1A8B B . 8.38 -6.79 -18.86
C36 A1A8B B . 5.52 -1.79 -19.79
C37 A1A8B B . 6.67 -2.53 -19.13
C38 A1A8B B . 9.49 -4.87 -15.89
C39 A1A8B B . 9.67 -5.57 -17.23
C40 A1A8B B . 8.61 -6.63 -17.46
C35 DSL C . -12.06 3.85 1.25
C36 DSL C . -10.80 4.45 0.67
C37 DSL C . -9.71 4.64 1.69
C38 DSL C . -9.40 3.44 2.53
C39 DSL C . -9.08 5.81 1.80
C40 DSL C . -9.50 7.14 1.27
C41 DSL C . -9.11 7.34 -0.18
C42 DSL C . -9.78 8.51 -0.82
C43 DSL C . -10.36 9.51 0.13
C44 DSL C . -9.83 8.63 -2.15
C45 DSL C . -10.31 7.62 -3.14
C46 DSL C . -9.53 7.65 -4.44
C47 DSL C . -9.25 6.29 -5.00
C48 DSL C . -10.21 5.83 -6.05
C49 DSL C . -8.22 5.56 -4.57
C50 DSL C . -6.79 5.67 -4.98
C51 DSL C . -6.14 6.95 -4.49
C52 DSL C . -5.05 7.45 -5.38
C53 DSL C . -4.89 8.95 -5.44
C54 DSL C . -4.27 6.62 -6.06
C55 DSL C . -2.93 6.99 -6.61
O56 DSL C . -2.08 5.85 -6.63
P57 DSL C . -2.06 4.86 -7.90
O58 DSL C . -3.50 4.44 -8.11
O59 DSL C . -1.51 5.67 -9.05
O60 DSL C . -1.16 3.71 -7.51
#